data_6HFO
#
_entry.id   6HFO
#
_cell.length_a   94.680
_cell.length_b   42.800
_cell.length_c   43.090
_cell.angle_alpha   90.00
_cell.angle_beta   93.63
_cell.angle_gamma   90.00
#
_symmetry.space_group_name_H-M   'C 1 2 1'
#
loop_
_entity.id
_entity.type
_entity.pdbx_description
1 polymer 'Tetratricopeptide repeat protein 4'
2 non-polymer 'PHOSPHATE ION'
3 water water
#
_entity_poly.entity_id   1
_entity_poly.type   'polypeptide(L)'
_entity_poly.pdbx_seq_one_letter_code
;NQNEALLQAIKARNIRLSEAACEDEDSASEGLGELFLDGLSTENPHGARLSLDGQGRLSWPVLFLYPEYAQSDFISAFHE
DSRFIDHLMVMFGETPSWDLEQKYCPDNLEVYFEDEDRAELYRVPAKSTLLQVLQHQRYFVKALTPAFLVCVGSSPFCKN
FLRGRKVYQIR
;
_entity_poly.pdbx_strand_id   A
#
loop_
_chem_comp.id
_chem_comp.type
_chem_comp.name
_chem_comp.formula
PO4 non-polymer 'PHOSPHATE ION' 'O4 P -3'
#
# COMPACT_ATOMS: atom_id res chain seq x y z
N GLU A 4 22.13 1.32 -8.38
CA GLU A 4 21.85 2.79 -8.44
C GLU A 4 21.22 3.30 -7.13
N ALA A 5 20.96 4.60 -7.06
CA ALA A 5 20.47 5.26 -5.84
C ALA A 5 19.19 4.64 -5.25
N LEU A 6 18.23 4.32 -6.11
CA LEU A 6 16.91 3.87 -5.66
C LEU A 6 16.92 2.56 -4.89
N LEU A 7 17.55 1.53 -5.46
CA LEU A 7 17.59 0.21 -4.80
C LEU A 7 18.37 0.29 -3.48
N GLN A 8 19.48 1.04 -3.47
CA GLN A 8 20.23 1.32 -2.24
C GLN A 8 19.35 1.99 -1.17
N ALA A 9 18.55 2.97 -1.59
CA ALA A 9 17.62 3.66 -0.67
C ALA A 9 16.56 2.71 -0.09
N ILE A 10 16.06 1.79 -0.90
CA ILE A 10 15.08 0.80 -0.43
C ILE A 10 15.69 -0.15 0.61
N LYS A 11 16.88 -0.69 0.30
CA LYS A 11 17.58 -1.60 1.22
C LYS A 11 17.97 -0.90 2.52
N ALA A 12 18.36 0.37 2.44
CA ALA A 12 18.66 1.19 3.63
C ALA A 12 17.48 1.31 4.61
N ARG A 13 16.26 1.23 4.08
CA ARG A 13 15.04 1.25 4.89
C ARG A 13 14.54 -0.13 5.37
N ASN A 14 15.26 -1.20 5.03
CA ASN A 14 14.83 -2.58 5.35
C ASN A 14 13.41 -2.87 4.86
N ILE A 15 13.15 -2.47 3.63
CA ILE A 15 11.88 -2.74 2.96
C ILE A 15 12.10 -3.98 2.10
N ARG A 16 11.18 -4.95 2.21
CA ARG A 16 11.29 -6.21 1.47
C ARG A 16 10.64 -6.10 0.10
N LEU A 17 11.34 -6.60 -0.92
CA LEU A 17 10.83 -6.64 -2.29
C LEU A 17 10.52 -8.09 -2.64
N SER A 18 9.34 -8.32 -3.21
CA SER A 18 8.84 -9.67 -3.49
CA SER A 18 8.83 -9.68 -3.51
C SER A 18 9.75 -10.44 -4.47
N GLU A 19 10.36 -9.73 -5.41
CA GLU A 19 11.21 -10.35 -6.43
C GLU A 19 12.57 -10.81 -5.88
N ALA A 20 13.05 -10.14 -4.82
CA ALA A 20 14.35 -10.46 -4.21
C ALA A 20 14.27 -11.34 -2.95
N ALA A 21 13.12 -11.35 -2.27
CA ALA A 21 12.95 -12.07 -1.01
C ALA A 21 11.73 -13.00 -1.06
N GLU A 30 21.87 -15.82 -4.58
CA GLU A 30 22.07 -15.68 -6.06
C GLU A 30 22.11 -14.23 -6.55
N GLY A 31 21.21 -13.39 -6.03
CA GLY A 31 21.20 -11.96 -6.35
C GLY A 31 20.60 -11.59 -7.71
N LEU A 32 19.93 -12.54 -8.36
CA LEU A 32 19.28 -12.30 -9.65
C LEU A 32 18.07 -11.40 -9.51
N GLY A 33 17.33 -11.58 -8.42
CA GLY A 33 16.20 -10.71 -8.07
C GLY A 33 16.63 -9.26 -7.92
N GLU A 34 17.72 -9.04 -7.18
CA GLU A 34 18.31 -7.70 -7.03
C GLU A 34 18.70 -7.10 -8.38
N LEU A 35 19.33 -7.92 -9.22
CA LEU A 35 19.76 -7.49 -10.55
C LEU A 35 18.56 -7.10 -11.42
N PHE A 36 17.51 -7.90 -11.36
CA PHE A 36 16.24 -7.60 -12.03
C PHE A 36 15.65 -6.27 -11.52
N LEU A 37 15.58 -6.12 -10.20
CA LEU A 37 15.01 -4.91 -9.60
C LEU A 37 15.84 -3.66 -9.88
N ASP A 38 17.17 -3.81 -9.88
CA ASP A 38 18.08 -2.72 -10.24
C ASP A 38 17.76 -2.25 -11.66
N GLY A 39 17.60 -3.20 -12.58
CA GLY A 39 17.19 -2.91 -13.96
C GLY A 39 15.84 -2.20 -14.08
N LEU A 40 14.84 -2.65 -13.32
CA LEU A 40 13.53 -2.00 -13.29
C LEU A 40 13.61 -0.56 -12.81
N SER A 41 14.25 -0.35 -11.66
CA SER A 41 14.31 0.96 -11.01
C SER A 41 15.07 2.01 -11.84
N THR A 42 16.14 1.58 -12.50
CA THR A 42 16.92 2.45 -13.38
C THR A 42 16.27 2.55 -14.77
N ARG A 49 9.62 5.12 -11.42
CA ARG A 49 8.49 5.86 -10.86
C ARG A 49 8.66 6.23 -9.39
N LEU A 50 9.54 5.51 -8.68
CA LEU A 50 10.03 5.97 -7.39
C LEU A 50 10.88 7.21 -7.61
N SER A 51 10.94 8.07 -6.60
CA SER A 51 11.83 9.21 -6.67
C SER A 51 12.33 9.59 -5.28
N LEU A 52 13.49 10.24 -5.26
CA LEU A 52 14.12 10.73 -4.04
C LEU A 52 13.98 12.24 -3.96
N ASP A 53 13.70 12.74 -2.76
CA ASP A 53 13.70 14.17 -2.44
C ASP A 53 15.12 14.71 -2.46
N GLY A 54 15.26 16.03 -2.31
CA GLY A 54 16.54 16.67 -2.05
C GLY A 54 17.19 16.21 -0.75
N GLN A 55 16.35 15.84 0.23
CA GLN A 55 16.80 15.33 1.53
C GLN A 55 16.93 13.80 1.60
N GLY A 56 16.90 13.11 0.46
CA GLY A 56 17.05 11.66 0.41
C GLY A 56 15.83 10.86 0.82
N ARG A 57 14.65 11.49 0.77
CA ARG A 57 13.39 10.85 1.14
C ARG A 57 12.66 10.29 -0.09
N LEU A 58 12.01 9.16 0.10
CA LEU A 58 11.45 8.37 -0.98
C LEU A 58 9.95 8.64 -1.15
N SER A 59 9.52 8.78 -2.40
CA SER A 59 8.10 8.78 -2.77
CA SER A 59 8.10 8.79 -2.79
C SER A 59 7.85 7.60 -3.71
N TRP A 60 6.72 6.93 -3.50
CA TRP A 60 6.39 5.70 -4.21
C TRP A 60 5.14 5.86 -5.05
N PRO A 61 5.08 5.17 -6.20
CA PRO A 61 3.80 4.97 -6.85
C PRO A 61 3.02 3.92 -6.06
N VAL A 62 1.76 4.19 -5.76
CA VAL A 62 0.97 3.32 -4.90
C VAL A 62 -0.39 3.04 -5.51
N LEU A 63 -0.82 1.79 -5.43
CA LEU A 63 -2.14 1.37 -5.88
C LEU A 63 -3.07 1.14 -4.71
N PHE A 64 -4.23 1.77 -4.73
CA PHE A 64 -5.33 1.40 -3.84
C PHE A 64 -6.28 0.55 -4.66
N LEU A 65 -6.52 -0.67 -4.20
CA LEU A 65 -7.46 -1.59 -4.85
C LEU A 65 -8.75 -1.62 -4.06
N TYR A 66 -9.88 -1.59 -4.76
CA TYR A 66 -11.21 -1.59 -4.15
C TYR A 66 -11.91 -2.87 -4.61
N PRO A 67 -11.66 -3.99 -3.90
CA PRO A 67 -12.13 -5.27 -4.42
C PRO A 67 -13.65 -5.48 -4.42
N GLU A 68 -14.41 -4.63 -3.70
CA GLU A 68 -15.88 -4.66 -3.77
C GLU A 68 -16.42 -4.43 -5.18
N TYR A 69 -15.80 -3.51 -5.90
CA TYR A 69 -16.24 -3.11 -7.24
C TYR A 69 -15.20 -3.37 -8.33
N ALA A 70 -14.15 -4.11 -8.00
CA ALA A 70 -13.03 -4.34 -8.92
C ALA A 70 -12.53 -3.03 -9.55
N GLN A 71 -12.33 -2.02 -8.70
CA GLN A 71 -11.82 -0.73 -9.13
C GLN A 71 -10.48 -0.47 -8.45
N SER A 72 -9.77 0.54 -8.92
CA SER A 72 -8.50 0.94 -8.32
C SER A 72 -8.19 2.41 -8.56
N ASP A 73 -7.34 2.96 -7.70
CA ASP A 73 -6.79 4.31 -7.87
C ASP A 73 -5.27 4.20 -7.83
N PHE A 74 -4.61 5.02 -8.66
CA PHE A 74 -3.15 5.08 -8.69
C PHE A 74 -2.72 6.44 -8.15
N ILE A 75 -1.88 6.41 -7.11
CA ILE A 75 -1.29 7.61 -6.52
C ILE A 75 0.14 7.66 -7.05
N SER A 76 0.45 8.70 -7.84
CA SER A 76 1.72 8.79 -8.55
CA SER A 76 1.72 8.80 -8.54
C SER A 76 2.92 9.00 -7.63
N ALA A 77 2.74 9.79 -6.56
CA ALA A 77 3.84 10.14 -5.66
C ALA A 77 3.37 10.18 -4.20
N PHE A 78 3.33 9.01 -3.59
CA PHE A 78 2.95 8.86 -2.19
C PHE A 78 4.24 8.98 -1.40
N HIS A 79 4.42 10.10 -0.70
CA HIS A 79 5.63 10.31 0.08
C HIS A 79 5.66 9.35 1.26
N GLU A 80 6.82 8.76 1.52
CA GLU A 80 6.95 7.75 2.57
C GLU A 80 6.52 8.26 3.96
N ASP A 81 6.67 9.56 4.22
CA ASP A 81 6.27 10.17 5.49
C ASP A 81 4.83 10.70 5.54
N SER A 82 4.05 10.49 4.47
CA SER A 82 2.64 10.89 4.43
CA SER A 82 2.65 10.91 4.47
C SER A 82 1.75 9.81 4.99
N ARG A 83 0.59 10.21 5.51
CA ARG A 83 -0.38 9.33 6.15
C ARG A 83 -1.44 8.90 5.16
N PHE A 84 -1.92 7.67 5.32
CA PHE A 84 -2.98 7.15 4.45
C PHE A 84 -4.23 8.01 4.52
N ILE A 85 -4.59 8.43 5.72
CA ILE A 85 -5.81 9.22 5.92
C ILE A 85 -5.79 10.52 5.11
N ASP A 86 -4.62 11.15 5.00
CA ASP A 86 -4.51 12.41 4.27
C ASP A 86 -4.75 12.21 2.76
N HIS A 87 -4.30 11.08 2.22
CA HIS A 87 -4.61 10.72 0.84
C HIS A 87 -6.10 10.36 0.65
N LEU A 88 -6.62 9.54 1.56
CA LEU A 88 -8.02 9.12 1.48
C LEU A 88 -9.00 10.29 1.60
N MET A 89 -8.67 11.27 2.44
CA MET A 89 -9.49 12.49 2.58
C MET A 89 -9.63 13.26 1.27
N VAL A 90 -8.54 13.37 0.54
CA VAL A 90 -8.54 14.04 -0.76
C VAL A 90 -9.23 13.20 -1.82
N MET A 91 -8.88 11.92 -1.89
CA MET A 91 -9.39 11.01 -2.93
C MET A 91 -10.89 10.77 -2.84
N PHE A 92 -11.38 10.64 -1.62
CA PHE A 92 -12.81 10.44 -1.36
C PHE A 92 -13.48 11.71 -0.82
N GLY A 93 -13.01 12.88 -1.29
CA GLY A 93 -13.72 14.13 -1.10
C GLY A 93 -15.01 14.03 -1.87
N GLU A 94 -14.88 13.87 -3.20
CA GLU A 94 -16.03 13.59 -4.06
C GLU A 94 -16.33 12.09 -4.08
N THR A 95 -17.62 11.75 -4.21
CA THR A 95 -18.05 10.36 -4.33
C THR A 95 -17.66 9.84 -5.71
N PRO A 96 -16.97 8.67 -5.78
CA PRO A 96 -16.69 8.10 -7.09
C PRO A 96 -17.96 7.50 -7.72
N SER A 97 -18.02 7.48 -9.05
CA SER A 97 -19.20 7.01 -9.78
C SER A 97 -19.66 5.60 -9.36
N TRP A 98 -18.68 4.73 -9.08
CA TRP A 98 -18.94 3.34 -8.69
C TRP A 98 -19.40 3.13 -7.24
N ASP A 99 -19.26 4.14 -6.38
CA ASP A 99 -19.73 4.07 -4.99
C ASP A 99 -21.24 4.25 -4.97
N LEU A 100 -21.95 3.15 -5.17
CA LEU A 100 -23.41 3.17 -5.38
C LEU A 100 -24.20 3.53 -4.11
N GLU A 101 -23.78 2.97 -2.98
CA GLU A 101 -24.40 3.25 -1.68
C GLU A 101 -23.88 4.54 -1.02
N GLN A 102 -22.90 5.20 -1.66
CA GLN A 102 -22.36 6.47 -1.20
C GLN A 102 -21.74 6.34 0.21
N LYS A 103 -21.06 5.20 0.42
CA LYS A 103 -20.57 4.79 1.74
C LYS A 103 -19.03 4.84 1.88
N TYR A 104 -18.32 5.21 0.81
CA TYR A 104 -16.85 5.30 0.86
C TYR A 104 -16.44 6.67 1.40
N CYS A 105 -16.70 6.87 2.69
CA CYS A 105 -16.36 8.10 3.40
C CYS A 105 -15.06 7.83 4.13
N PRO A 106 -14.07 8.77 4.06
CA PRO A 106 -12.75 8.54 4.67
C PRO A 106 -12.79 7.98 6.10
N ASP A 107 -13.73 8.49 6.90
CA ASP A 107 -13.90 8.06 8.30
C ASP A 107 -14.20 6.57 8.48
N ASN A 108 -14.92 5.98 7.51
CA ASN A 108 -15.33 4.57 7.59
C ASN A 108 -14.48 3.61 6.74
N LEU A 109 -13.48 4.13 6.02
CA LEU A 109 -12.63 3.27 5.20
C LEU A 109 -11.61 2.54 6.04
N GLU A 110 -11.38 1.27 5.69
CA GLU A 110 -10.33 0.45 6.29
C GLU A 110 -9.34 0.07 5.20
N VAL A 111 -8.07 0.04 5.58
CA VAL A 111 -6.95 -0.26 4.67
C VAL A 111 -6.30 -1.56 5.12
N TYR A 112 -6.05 -2.47 4.18
CA TYR A 112 -5.45 -3.76 4.45
C TYR A 112 -4.33 -4.08 3.46
N PHE A 113 -3.42 -4.95 3.87
CA PHE A 113 -2.56 -5.66 2.93
C PHE A 113 -2.54 -7.15 3.25
N GLU A 114 -2.26 -7.96 2.24
CA GLU A 114 -2.19 -9.40 2.38
C GLU A 114 -0.75 -9.87 2.55
N ASP A 115 -0.57 -10.79 3.50
CA ASP A 115 0.62 -11.60 3.60
C ASP A 115 0.28 -12.88 2.83
N GLU A 116 0.62 -12.88 1.54
CA GLU A 116 0.15 -13.91 0.61
C GLU A 116 0.66 -15.32 0.92
N ASP A 117 1.92 -15.42 1.35
CA ASP A 117 2.53 -16.71 1.70
C ASP A 117 1.82 -17.40 2.87
N ARG A 118 1.35 -16.63 3.85
CA ARG A 118 0.65 -17.18 5.02
C ARG A 118 -0.88 -17.05 4.95
N ALA A 119 -1.39 -16.36 3.91
CA ALA A 119 -2.82 -16.15 3.72
C ALA A 119 -3.46 -15.43 4.92
N GLU A 120 -2.79 -14.37 5.36
CA GLU A 120 -3.23 -13.57 6.50
C GLU A 120 -3.33 -12.13 6.03
N LEU A 121 -4.25 -11.38 6.63
CA LEU A 121 -4.46 -9.95 6.31
C LEU A 121 -4.02 -9.09 7.47
N TYR A 122 -3.45 -7.93 7.15
CA TYR A 122 -3.04 -6.95 8.13
C TYR A 122 -3.78 -5.65 7.87
N ARG A 123 -4.49 -5.17 8.90
CA ARG A 123 -5.17 -3.88 8.89
C ARG A 123 -4.17 -2.76 9.21
N VAL A 124 -4.23 -1.69 8.41
CA VAL A 124 -3.34 -0.55 8.53
C VAL A 124 -4.15 0.60 9.09
N PRO A 125 -3.82 1.05 10.32
CA PRO A 125 -4.47 2.27 10.82
C PRO A 125 -4.26 3.42 9.85
N ALA A 126 -5.32 4.15 9.53
CA ALA A 126 -5.22 5.21 8.50
C ALA A 126 -4.22 6.34 8.87
N LYS A 127 -3.95 6.53 10.16
CA LYS A 127 -2.93 7.51 10.59
C LYS A 127 -1.47 7.05 10.37
N SER A 128 -1.27 5.78 10.00
CA SER A 128 0.06 5.26 9.68
C SER A 128 0.67 5.98 8.49
N THR A 129 1.99 6.08 8.46
CA THR A 129 2.68 6.51 7.25
C THR A 129 2.97 5.33 6.35
N LEU A 130 3.24 5.62 5.08
CA LEU A 130 3.63 4.58 4.15
C LEU A 130 4.92 3.88 4.61
N LEU A 131 5.91 4.65 5.07
CA LEU A 131 7.15 4.04 5.55
C LEU A 131 6.92 3.04 6.67
N GLN A 132 6.07 3.39 7.62
CA GLN A 132 5.73 2.52 8.75
C GLN A 132 5.18 1.18 8.27
N VAL A 133 4.32 1.19 7.25
CA VAL A 133 3.75 -0.06 6.75
CA VAL A 133 3.74 -0.03 6.70
C VAL A 133 4.76 -0.85 5.91
N LEU A 134 5.52 -0.16 5.06
CA LEU A 134 6.54 -0.83 4.24
C LEU A 134 7.62 -1.51 5.06
N GLN A 135 7.88 -0.98 6.26
CA GLN A 135 8.86 -1.57 7.16
C GLN A 135 8.33 -2.74 7.98
N HIS A 136 7.03 -3.05 7.87
CA HIS A 136 6.47 -4.21 8.53
C HIS A 136 7.12 -5.50 7.98
N GLN A 137 7.45 -6.42 8.88
CA GLN A 137 8.18 -7.64 8.50
C GLN A 137 7.46 -8.52 7.47
N ARG A 138 6.13 -8.45 7.42
CA ARG A 138 5.33 -9.22 6.46
C ARG A 138 4.81 -8.44 5.26
N TYR A 139 5.28 -7.20 5.07
CA TYR A 139 4.97 -6.45 3.85
C TYR A 139 6.05 -6.72 2.81
N PHE A 140 5.62 -7.21 1.64
CA PHE A 140 6.51 -7.42 0.50
C PHE A 140 5.99 -6.61 -0.69
N VAL A 141 6.82 -5.68 -1.17
CA VAL A 141 6.44 -4.82 -2.29
C VAL A 141 6.57 -5.62 -3.59
N LYS A 142 5.50 -5.62 -4.40
CA LYS A 142 5.51 -6.21 -5.74
C LYS A 142 5.68 -5.14 -6.81
N ALA A 143 6.51 -5.43 -7.82
CA ALA A 143 6.71 -4.55 -8.98
C ALA A 143 7.06 -3.11 -8.62
N LEU A 144 7.81 -2.93 -7.54
CA LEU A 144 8.16 -1.62 -6.98
C LEU A 144 6.95 -0.69 -6.80
N THR A 145 5.77 -1.28 -6.57
CA THR A 145 4.51 -0.54 -6.50
C THR A 145 3.68 -1.07 -5.33
N PRO A 146 3.85 -0.46 -4.14
CA PRO A 146 3.05 -0.88 -2.99
C PRO A 146 1.57 -0.81 -3.30
N ALA A 147 0.84 -1.83 -2.83
CA ALA A 147 -0.60 -1.91 -3.04
C ALA A 147 -1.32 -2.19 -1.74
N PHE A 148 -2.53 -1.67 -1.66
CA PHE A 148 -3.37 -1.79 -0.48
C PHE A 148 -4.81 -2.05 -0.90
N LEU A 149 -5.50 -2.80 -0.06
CA LEU A 149 -6.91 -3.09 -0.25
C LEU A 149 -7.69 -2.14 0.61
N VAL A 150 -8.65 -1.45 0.01
CA VAL A 150 -9.43 -0.46 0.73
C VAL A 150 -10.90 -0.84 0.62
N CYS A 151 -11.58 -0.89 1.76
CA CYS A 151 -13.01 -1.17 1.78
C CYS A 151 -13.69 -0.42 2.92
N VAL A 152 -15.02 -0.54 3.00
CA VAL A 152 -15.79 0.14 4.03
C VAL A 152 -15.90 -0.80 5.24
N GLY A 153 -15.57 -0.28 6.42
CA GLY A 153 -15.41 -1.09 7.64
C GLY A 153 -16.56 -2.01 7.98
N SER A 154 -17.77 -1.45 8.06
CA SER A 154 -18.96 -2.20 8.46
C SER A 154 -19.71 -2.88 7.31
N SER A 155 -19.25 -2.72 6.08
CA SER A 155 -20.02 -3.10 4.89
C SER A 155 -20.20 -4.61 4.71
N PRO A 156 -21.25 -5.02 3.95
CA PRO A 156 -21.45 -6.44 3.59
C PRO A 156 -20.25 -7.08 2.89
N PHE A 157 -19.62 -6.36 1.96
CA PHE A 157 -18.48 -6.89 1.24
C PHE A 157 -17.27 -7.15 2.14
N CYS A 158 -16.95 -6.18 3.01
CA CYS A 158 -15.84 -6.32 3.95
C CYS A 158 -16.02 -7.54 4.86
N LYS A 159 -17.25 -7.78 5.30
CA LYS A 159 -17.60 -9.00 6.04
C LYS A 159 -17.24 -10.27 5.24
N ASN A 160 -17.64 -10.30 3.97
CA ASN A 160 -17.41 -11.46 3.10
C ASN A 160 -15.94 -11.64 2.70
N PHE A 161 -15.23 -10.54 2.45
CA PHE A 161 -13.83 -10.59 2.02
C PHE A 161 -12.89 -11.09 3.13
N LEU A 162 -13.16 -10.69 4.36
CA LEU A 162 -12.39 -11.12 5.54
C LEU A 162 -12.84 -12.48 6.11
N ARG A 163 -13.89 -13.07 5.51
CA ARG A 163 -14.47 -14.35 5.95
C ARG A 163 -13.43 -15.48 5.85
N GLY A 164 -13.22 -16.17 6.96
CA GLY A 164 -12.28 -17.30 7.01
C GLY A 164 -10.81 -16.93 6.93
N ARG A 165 -10.49 -15.67 7.15
CA ARG A 165 -9.10 -15.18 7.10
C ARG A 165 -8.67 -14.71 8.47
N LYS A 166 -7.42 -14.98 8.83
CA LYS A 166 -6.81 -14.43 10.04
C LYS A 166 -6.49 -12.96 9.75
N VAL A 167 -7.01 -12.07 10.58
CA VAL A 167 -6.86 -10.62 10.38
C VAL A 167 -6.17 -10.01 11.60
N TYR A 168 -4.99 -9.43 11.37
CA TYR A 168 -4.23 -8.74 12.39
C TYR A 168 -4.29 -7.24 12.14
N GLN A 169 -3.81 -6.47 13.11
CA GLN A 169 -3.59 -5.04 12.91
C GLN A 169 -2.13 -4.72 13.14
N ILE A 170 -1.53 -3.90 12.29
CA ILE A 170 -0.13 -3.48 12.50
C ILE A 170 -0.07 -2.51 13.69
N ARG A 171 1.12 -2.36 14.27
CA ARG A 171 1.32 -1.33 15.31
C ARG A 171 1.25 0.06 14.67
P PO4 B . 1.08 -6.77 -0.88
O1 PO4 B . 2.11 -6.65 0.22
O2 PO4 B . 1.56 -6.06 -2.14
O3 PO4 B . 0.87 -8.23 -1.18
O4 PO4 B . -0.22 -6.14 -0.43
#